data_4FZF
#
_entry.id   4FZF
#
_cell.length_a   239.464
_cell.length_b   239.464
_cell.length_c   239.464
_cell.angle_alpha   90.00
_cell.angle_beta   90.00
_cell.angle_gamma   90.00
#
_symmetry.space_group_name_H-M   'I 4 3 2'
#
loop_
_entity.id
_entity.type
_entity.pdbx_description
1 polymer 'Calcium-binding protein 39'
2 polymer 'Serine/threonine-protein kinase MST4'
3 non-polymer 5-AMINO-3-{[4-(AMINOSULFONYL)PHENYL]AMINO}-N-(2,6-DIFLUOROPHENYL)-1H-1,2,4-TRIAZOLE-1-CARBOTHIOAMIDE
#
loop_
_entity_poly.entity_id
_entity_poly.type
_entity_poly.pdbx_seq_one_letter_code
_entity_poly.pdbx_strand_id
1 'polypeptide(L)'
;GAMASPADIVKNLKESMAVLEKQDISDKKAEKATEEVSKNLVAMKEILYGTNEKEPQTEAVAQLAQELYNSGLLSTLVAD
LQLIDFEGKKDVAQIFNNILRRQIGTRTPTVEYICTQQNILFMLLKGYESPEIALNCGIMLRECIRHEPLAKIILWSEQF
YDFFRYVEMSTFDIASDAFATFKDLLTRHKLLSAEFLEQHYDRFFSEYEKLLHSENYVTKRQSLKLLGELLLDRHNFTIM
TKYISKPENLKLMMNLLRDKSRNIQFEAFHVFKVFVANPNKTQPILDILLKNQAKLIEFLSKFQNDRTEDEQFNDEKTYL
VKQIRDLK
;
A
2 'polypeptide(L)'
;GAMADPEELFTKLERIGKGSFGEVFKGIDNRTQQVVAIKIIDLEEAEDEIEDIQQEITVLSQCDSSYVTKYYGSYLKGSK
LWIIMEYLGGGSALDLLRAGPFDEFQIATMLKEILKGLDYLHSEKKIHRDIKAANVLLSEQGDVKLAAFGVAGQLTDTQI
KRNTFVGTPFWMAPEVIQQSAYDSKADIWSLGITAIELAKGEPPNSDMHPMRVLFLIPKNNPPTLVGDFTKSFKEFIDAC
LNKDPSFRPTAKELLKHKFIVKNSKKTSYLTELIDRFKRWKAE
;
B
#
loop_
_chem_comp.id
_chem_comp.type
_chem_comp.name
_chem_comp.formula
DKI non-polymer 5-AMINO-3-{[4-(AMINOSULFONYL)PHENYL]AMINO}-N-(2,6-DIFLUOROPHENYL)-1H-1,2,4-TRIAZOLE-1-CARBOTHIOAMIDE 'C15 H13 F2 N7 O2 S2'
#
# COMPACT_ATOMS: atom_id res chain seq x y z
N ALA A 4 -24.96 22.87 10.59
CA ALA A 4 -23.99 22.15 11.48
C ALA A 4 -22.81 23.04 11.86
N SER A 5 -22.44 22.99 13.14
CA SER A 5 -21.37 23.82 13.69
C SER A 5 -20.68 23.07 14.84
N PRO A 6 -20.08 23.78 15.81
CA PRO A 6 -19.76 23.14 17.09
C PRO A 6 -20.98 22.52 17.79
N ALA A 7 -22.19 22.91 17.37
CA ALA A 7 -23.44 22.42 17.94
C ALA A 7 -23.82 21.02 17.43
N ASP A 8 -22.91 20.40 16.68
CA ASP A 8 -23.11 19.06 16.12
C ASP A 8 -21.94 18.13 16.51
N ILE A 9 -20.90 18.72 17.07
CA ILE A 9 -19.82 17.95 17.70
C ILE A 9 -20.20 17.61 19.14
N VAL A 10 -21.07 18.45 19.73
CA VAL A 10 -21.59 18.24 21.09
C VAL A 10 -22.64 17.13 21.09
N LYS A 11 -23.63 17.24 20.19
CA LYS A 11 -24.69 16.25 20.07
C LYS A 11 -24.14 14.92 19.54
N ASN A 12 -22.87 14.93 19.18
CA ASN A 12 -22.18 13.75 18.71
C ASN A 12 -21.39 13.09 19.85
N LEU A 13 -20.30 13.74 20.26
CA LEU A 13 -19.35 13.17 21.22
C LEU A 13 -19.96 12.78 22.56
N LYS A 14 -20.87 13.62 23.05
CA LYS A 14 -21.57 13.35 24.31
C LYS A 14 -22.65 12.27 24.16
N GLU A 15 -23.51 12.44 23.16
CA GLU A 15 -24.65 11.54 22.98
C GLU A 15 -24.27 10.19 22.36
N SER A 16 -23.84 10.21 21.10
CA SER A 16 -23.62 8.97 20.35
C SER A 16 -22.32 8.26 20.70
N MET A 17 -21.23 9.03 20.80
CA MET A 17 -19.90 8.46 21.06
C MET A 17 -19.76 7.85 22.45
N ALA A 18 -19.89 8.68 23.49
CA ALA A 18 -19.71 8.22 24.86
C ALA A 18 -20.58 7.01 25.18
N VAL A 19 -21.68 6.86 24.45
CA VAL A 19 -22.63 5.76 24.62
C VAL A 19 -22.14 4.41 24.10
N LEU A 20 -21.27 4.43 23.08
CA LEU A 20 -20.78 3.20 22.46
C LEU A 20 -20.24 2.18 23.46
N GLU A 21 -19.27 2.61 24.29
CA GLU A 21 -18.68 1.75 25.31
C GLU A 21 -19.60 1.58 26.50
N LYS A 22 -20.59 0.70 26.36
CA LYS A 22 -21.62 0.49 27.39
C LYS A 22 -22.59 -0.63 26.98
N GLN A 23 -22.67 -0.89 25.68
CA GLN A 23 -23.77 -1.68 25.10
C GLN A 23 -23.64 -3.21 25.23
N ASP A 24 -24.80 -3.85 25.38
CA ASP A 24 -24.94 -5.31 25.36
C ASP A 24 -25.05 -5.80 23.90
N ILE A 25 -26.22 -6.31 23.51
CA ILE A 25 -26.51 -6.73 22.14
C ILE A 25 -27.91 -6.24 21.72
N SER A 26 -28.12 -4.94 21.93
CA SER A 26 -29.43 -4.31 21.75
C SER A 26 -29.81 -4.09 20.29
N ASP A 27 -31.12 -3.98 20.05
CA ASP A 27 -31.68 -3.62 18.75
C ASP A 27 -31.60 -2.11 18.53
N LYS A 28 -31.47 -1.36 19.64
CA LYS A 28 -31.35 0.10 19.62
C LYS A 28 -29.99 0.57 19.12
N LYS A 29 -28.93 -0.02 19.67
CA LYS A 29 -27.57 0.30 19.26
C LYS A 29 -27.00 -0.75 18.29
N ALA A 30 -27.90 -1.52 17.67
CA ALA A 30 -27.54 -2.49 16.65
C ALA A 30 -26.91 -1.81 15.43
N GLU A 31 -27.61 -0.83 14.87
CA GLU A 31 -27.08 0.03 13.80
C GLU A 31 -27.46 1.51 13.95
N LYS A 32 -28.69 1.77 14.43
CA LYS A 32 -29.24 3.12 14.53
C LYS A 32 -28.35 4.09 15.31
N ALA A 33 -27.91 3.68 16.50
CA ALA A 33 -27.08 4.50 17.37
C ALA A 33 -25.64 4.61 16.84
N THR A 34 -25.16 3.51 16.26
CA THR A 34 -23.81 3.48 15.66
C THR A 34 -23.77 4.21 14.33
N GLU A 35 -24.95 4.49 13.77
CA GLU A 35 -25.09 5.21 12.52
C GLU A 35 -24.79 6.70 12.71
N GLU A 36 -25.31 7.27 13.80
CA GLU A 36 -25.04 8.67 14.15
C GLU A 36 -23.57 8.91 14.44
N VAL A 37 -22.92 7.90 15.04
CA VAL A 37 -21.48 7.92 15.26
C VAL A 37 -20.75 8.07 13.91
N SER A 38 -21.12 7.21 12.97
CA SER A 38 -20.48 7.16 11.65
C SER A 38 -20.83 8.37 10.77
N LYS A 39 -22.08 8.83 10.85
CA LYS A 39 -22.56 9.92 10.00
C LYS A 39 -21.90 11.27 10.33
N ASN A 40 -21.68 11.49 11.63
CA ASN A 40 -21.10 12.75 12.10
C ASN A 40 -19.58 12.84 11.89
N LEU A 41 -18.95 11.70 11.67
CA LEU A 41 -17.54 11.65 11.27
C LEU A 41 -17.37 12.07 9.82
N VAL A 42 -18.38 11.77 8.98
CA VAL A 42 -18.43 12.21 7.58
C VAL A 42 -18.72 13.71 7.54
N ALA A 43 -19.48 14.19 8.52
CA ALA A 43 -19.74 15.61 8.71
C ALA A 43 -18.45 16.39 9.00
N MET A 44 -17.53 15.75 9.73
CA MET A 44 -16.20 16.31 9.97
C MET A 44 -15.47 16.53 8.65
N LYS A 45 -15.15 15.43 7.96
CA LYS A 45 -14.41 15.48 6.70
C LYS A 45 -14.98 16.47 5.67
N GLU A 46 -16.24 16.86 5.84
CA GLU A 46 -16.87 17.88 4.99
C GLU A 46 -16.33 19.28 5.28
N ILE A 47 -16.30 19.66 6.55
CA ILE A 47 -15.78 20.96 6.97
C ILE A 47 -14.26 20.95 7.18
N LEU A 48 -13.72 19.80 7.60
CA LEU A 48 -12.29 19.64 7.86
C LEU A 48 -11.47 19.56 6.58
N TYR A 49 -11.96 18.81 5.60
CA TYR A 49 -11.36 18.78 4.26
C TYR A 49 -12.17 19.63 3.28
N GLY A 50 -12.12 19.27 2.00
CA GLY A 50 -12.76 20.03 0.92
C GLY A 50 -14.24 20.32 1.13
N THR A 51 -14.56 21.58 1.42
CA THR A 51 -15.93 22.02 1.67
C THR A 51 -16.78 22.01 0.38
N ASN A 52 -17.68 21.02 0.29
CA ASN A 52 -18.47 20.75 -0.93
C ASN A 52 -17.59 20.57 -2.17
N GLU A 53 -17.47 21.64 -2.96
CA GLU A 53 -16.53 21.66 -4.09
C GLU A 53 -15.19 22.24 -3.68
N LYS A 54 -15.24 23.32 -2.89
CA LYS A 54 -14.07 24.14 -2.55
C LYS A 54 -13.04 23.44 -1.63
N GLU A 55 -12.21 24.25 -0.98
CA GLU A 55 -11.04 23.79 -0.23
C GLU A 55 -11.26 23.75 1.29
N PRO A 56 -10.43 22.96 2.02
CA PRO A 56 -10.46 22.92 3.49
C PRO A 56 -10.51 24.32 4.13
N GLN A 57 -11.68 24.64 4.70
CA GLN A 57 -11.97 25.98 5.24
C GLN A 57 -11.01 26.46 6.34
N THR A 58 -10.72 27.75 6.34
CA THR A 58 -9.97 28.40 7.43
C THR A 58 -10.98 29.13 8.33
N GLU A 59 -12.16 29.39 7.77
CA GLU A 59 -13.27 30.01 8.48
C GLU A 59 -13.82 29.07 9.55
N ALA A 60 -14.06 27.82 9.15
CA ALA A 60 -14.79 26.84 9.96
C ALA A 60 -14.00 26.23 11.13
N VAL A 61 -12.67 26.22 11.02
CA VAL A 61 -11.81 25.58 12.03
C VAL A 61 -11.74 26.38 13.33
N ALA A 62 -11.60 27.71 13.21
CA ALA A 62 -11.43 28.58 14.37
C ALA A 62 -12.36 28.25 15.53
N GLN A 63 -13.67 28.16 15.25
CA GLN A 63 -14.66 27.86 16.29
C GLN A 63 -15.00 26.37 16.35
N LEU A 64 -13.99 25.52 16.15
CA LEU A 64 -14.19 24.08 16.13
C LEU A 64 -13.09 23.30 16.85
N ALA A 65 -11.85 23.55 16.45
CA ALA A 65 -10.67 22.80 16.95
C ALA A 65 -10.51 22.82 18.47
N GLN A 66 -10.93 23.90 19.10
CA GLN A 66 -10.84 24.06 20.55
C GLN A 66 -11.86 23.18 21.29
N GLU A 67 -13.03 22.99 20.68
CA GLU A 67 -14.09 22.19 21.29
C GLU A 67 -13.76 20.70 21.32
N LEU A 68 -12.70 20.32 20.61
CA LEU A 68 -12.20 18.95 20.61
C LEU A 68 -11.45 18.62 21.91
N TYR A 69 -10.56 19.52 22.32
CA TYR A 69 -9.76 19.37 23.55
C TYR A 69 -10.62 19.36 24.81
N ASN A 70 -11.89 19.79 24.68
CA ASN A 70 -12.87 19.72 25.76
C ASN A 70 -13.06 18.29 26.24
N SER A 71 -12.50 17.98 27.42
CA SER A 71 -12.44 16.63 27.98
C SER A 71 -11.55 15.70 27.15
N GLY A 72 -11.18 14.55 27.72
CA GLY A 72 -10.43 13.52 26.99
C GLY A 72 -11.33 12.84 25.98
N LEU A 73 -11.77 13.60 24.98
CA LEU A 73 -12.74 13.15 23.98
C LEU A 73 -12.14 12.21 22.92
N LEU A 74 -10.82 12.25 22.76
CA LEU A 74 -10.11 11.36 21.85
C LEU A 74 -9.31 10.32 22.62
N SER A 75 -9.37 10.40 23.95
CA SER A 75 -8.80 9.39 24.85
C SER A 75 -9.58 8.06 24.69
N THR A 76 -10.72 7.94 25.38
CA THR A 76 -11.57 6.73 25.32
C THR A 76 -12.17 6.46 23.93
N LEU A 77 -11.91 7.35 22.97
CA LEU A 77 -12.23 7.09 21.57
C LEU A 77 -11.28 6.03 21.02
N VAL A 78 -9.99 6.21 21.29
CA VAL A 78 -8.93 5.28 20.87
C VAL A 78 -8.88 4.04 21.76
N ALA A 79 -9.29 4.20 23.02
CA ALA A 79 -9.26 3.11 24.00
C ALA A 79 -10.26 1.98 23.70
N ASP A 80 -10.86 2.02 22.51
CA ASP A 80 -11.70 0.93 21.98
C ASP A 80 -12.16 1.20 20.55
N LEU A 81 -11.81 0.28 19.65
CA LEU A 81 -12.28 0.32 18.26
C LEU A 81 -12.96 -1.01 17.87
N GLN A 82 -12.84 -1.41 16.60
CA GLN A 82 -13.59 -2.55 16.02
C GLN A 82 -15.10 -2.31 16.02
N LEU A 83 -15.63 -2.03 17.21
CA LEU A 83 -17.05 -1.77 17.41
C LEU A 83 -17.54 -0.51 16.66
N ILE A 84 -16.61 0.16 15.98
CA ILE A 84 -16.87 1.42 15.30
C ILE A 84 -17.42 1.25 13.86
N ASP A 85 -16.54 1.11 12.87
CA ASP A 85 -16.90 1.14 11.46
C ASP A 85 -15.65 0.93 10.63
N PHE A 86 -15.77 0.37 9.43
CA PHE A 86 -14.62 0.26 8.53
C PHE A 86 -14.26 1.61 7.90
N GLU A 87 -15.23 2.23 7.22
CA GLU A 87 -15.03 3.52 6.58
C GLU A 87 -15.09 4.65 7.62
N GLY A 88 -15.56 4.34 8.82
CA GLY A 88 -15.52 5.24 9.95
C GLY A 88 -14.13 5.34 10.54
N LYS A 89 -13.48 4.18 10.72
CA LYS A 89 -12.06 4.11 11.11
C LYS A 89 -11.21 4.95 10.18
N LYS A 90 -11.50 4.83 8.89
CA LYS A 90 -10.83 5.57 7.82
C LYS A 90 -10.97 7.09 8.00
N ASP A 91 -12.16 7.54 8.40
CA ASP A 91 -12.42 8.95 8.71
C ASP A 91 -11.67 9.39 9.96
N VAL A 92 -11.91 8.69 11.07
CA VAL A 92 -11.20 8.94 12.34
C VAL A 92 -9.71 9.15 12.11
N ALA A 93 -9.11 8.24 11.33
CA ALA A 93 -7.72 8.36 10.91
C ALA A 93 -7.45 9.73 10.30
N GLN A 94 -8.17 10.06 9.24
CA GLN A 94 -7.98 11.33 8.53
C GLN A 94 -8.44 12.58 9.30
N ILE A 95 -9.42 12.41 10.19
CA ILE A 95 -9.90 13.49 11.07
C ILE A 95 -8.79 13.92 12.03
N PHE A 96 -8.15 12.91 12.64
CA PHE A 96 -6.95 13.09 13.45
C PHE A 96 -5.85 13.72 12.61
N ASN A 97 -5.68 13.21 11.39
CA ASN A 97 -4.56 13.54 10.52
C ASN A 97 -4.68 14.83 9.68
N ASN A 98 -5.78 15.56 9.84
CA ASN A 98 -5.93 16.84 9.15
C ASN A 98 -5.96 18.05 10.08
N ILE A 99 -6.39 17.83 11.32
CA ILE A 99 -6.33 18.85 12.37
C ILE A 99 -4.95 18.85 13.01
N LEU A 100 -4.19 17.80 12.73
CA LEU A 100 -2.83 17.64 13.22
C LEU A 100 -1.93 18.74 12.70
N ARG A 101 -2.17 19.18 11.47
CA ARG A 101 -1.38 20.24 10.83
C ARG A 101 -1.98 21.65 10.97
N ARG A 102 -3.05 21.78 11.75
CA ARG A 102 -3.62 23.09 12.05
C ARG A 102 -2.61 23.87 12.88
N GLN A 103 -2.20 25.03 12.37
CA GLN A 103 -0.99 25.72 12.82
C GLN A 103 -1.22 27.21 13.08
N ILE A 104 -0.57 27.73 14.13
CA ILE A 104 -0.64 29.15 14.49
C ILE A 104 0.77 29.74 14.63
N GLY A 105 1.05 30.76 13.81
CA GLY A 105 2.40 31.31 13.69
C GLY A 105 3.22 30.34 12.85
N THR A 106 4.05 29.54 13.53
CA THR A 106 4.75 28.41 12.92
C THR A 106 4.71 27.19 13.85
N ARG A 107 3.80 27.23 14.83
CA ARG A 107 3.60 26.13 15.77
C ARG A 107 2.14 25.67 15.82
N THR A 108 1.94 24.36 15.88
CA THR A 108 0.60 23.77 15.84
C THR A 108 -0.04 23.69 17.23
N PRO A 109 -1.29 24.19 17.37
CA PRO A 109 -2.09 24.04 18.59
C PRO A 109 -2.43 22.58 18.91
N THR A 110 -2.27 21.70 17.93
CA THR A 110 -2.44 20.26 18.14
C THR A 110 -1.37 19.73 19.10
N VAL A 111 -0.10 19.89 18.72
CA VAL A 111 1.06 19.44 19.52
C VAL A 111 1.05 20.04 20.91
N GLU A 112 0.79 21.35 20.98
CA GLU A 112 0.72 22.08 22.25
C GLU A 112 -0.30 21.48 23.21
N TYR A 113 -1.46 21.07 22.69
CA TYR A 113 -2.49 20.43 23.51
C TYR A 113 -2.69 18.93 23.23
N ILE A 114 -1.62 18.28 22.79
CA ILE A 114 -1.49 16.82 22.88
C ILE A 114 -0.57 16.56 24.07
N CYS A 115 0.49 17.37 24.16
CA CYS A 115 1.42 17.32 25.27
C CYS A 115 0.75 17.85 26.54
N THR A 116 -0.08 16.98 27.12
CA THR A 116 -0.85 17.27 28.33
C THR A 116 -0.76 16.04 29.23
N GLN A 117 -1.71 15.13 29.05
CA GLN A 117 -1.58 13.75 29.50
C GLN A 117 -1.28 12.95 28.22
N GLN A 118 -0.04 12.50 28.11
CA GLN A 118 0.50 11.97 26.85
C GLN A 118 0.10 10.53 26.53
N ASN A 119 -0.68 9.92 27.43
CA ASN A 119 -1.16 8.54 27.25
C ASN A 119 -2.04 8.37 26.01
N ILE A 120 -2.12 9.43 25.21
CA ILE A 120 -2.86 9.44 23.94
C ILE A 120 -2.15 8.57 22.91
N LEU A 121 -0.83 8.44 23.07
CA LEU A 121 0.01 7.72 22.11
C LEU A 121 0.26 6.27 22.52
N PHE A 122 0.39 6.02 23.82
CA PHE A 122 0.54 4.67 24.36
C PHE A 122 -0.58 3.73 23.89
N MET A 123 -1.79 4.30 23.76
CA MET A 123 -2.95 3.59 23.23
C MET A 123 -2.74 3.08 21.80
N LEU A 124 -2.19 3.95 20.94
CA LEU A 124 -1.98 3.64 19.53
C LEU A 124 -1.01 2.48 19.31
N LEU A 125 0.20 2.58 19.88
CA LEU A 125 1.19 1.51 19.81
C LEU A 125 0.61 0.18 20.31
N LYS A 126 -0.21 0.26 21.36
CA LYS A 126 -0.88 -0.92 21.92
C LYS A 126 -2.01 -1.44 21.03
N GLY A 127 -2.48 -0.60 20.11
CA GLY A 127 -3.47 -1.01 19.13
C GLY A 127 -2.91 -2.04 18.17
N TYR A 128 -1.58 -2.17 18.15
CA TYR A 128 -0.88 -3.10 17.26
C TYR A 128 -1.20 -4.58 17.53
N GLU A 129 -1.64 -4.88 18.75
CA GLU A 129 -1.98 -6.25 19.11
C GLU A 129 -3.41 -6.63 18.77
N SER A 130 -4.26 -5.62 18.58
CA SER A 130 -5.62 -5.83 18.07
C SER A 130 -5.57 -5.83 16.55
N PRO A 131 -5.64 -7.01 15.92
CA PRO A 131 -5.40 -7.10 14.47
C PRO A 131 -6.42 -6.31 13.64
N GLU A 132 -7.60 -6.08 14.21
CA GLU A 132 -8.70 -5.41 13.51
C GLU A 132 -8.49 -3.91 13.35
N ILE A 133 -7.58 -3.34 14.15
CA ILE A 133 -7.31 -1.91 14.13
C ILE A 133 -5.84 -1.58 13.84
N ALA A 134 -4.97 -2.53 14.14
CA ALA A 134 -3.52 -2.35 14.10
C ALA A 134 -3.00 -1.42 13.00
N LEU A 135 -3.60 -1.53 11.81
CA LEU A 135 -3.16 -0.74 10.66
C LEU A 135 -3.55 0.73 10.77
N ASN A 136 -4.79 0.99 11.19
CA ASN A 136 -5.28 2.34 11.41
C ASN A 136 -4.41 3.10 12.40
N CYS A 137 -4.12 2.47 13.53
CA CYS A 137 -3.31 3.04 14.61
C CYS A 137 -1.95 3.49 14.09
N GLY A 138 -1.30 2.62 13.33
CA GLY A 138 -0.03 2.92 12.70
C GLY A 138 -0.14 4.08 11.72
N ILE A 139 -1.23 4.10 10.95
CA ILE A 139 -1.45 5.16 9.97
C ILE A 139 -1.48 6.54 10.64
N MET A 140 -2.24 6.63 11.74
CA MET A 140 -2.32 7.85 12.55
C MET A 140 -1.01 8.14 13.25
N LEU A 141 -0.38 7.08 13.75
CA LEU A 141 0.86 7.16 14.53
C LEU A 141 2.03 7.75 13.74
N ARG A 142 2.23 7.25 12.53
CA ARG A 142 3.28 7.78 11.64
C ARG A 142 3.09 9.25 11.30
N GLU A 143 1.82 9.66 11.17
CA GLU A 143 1.47 11.01 10.78
C GLU A 143 1.79 12.04 11.85
N CYS A 144 1.81 11.60 13.11
CA CYS A 144 2.17 12.49 14.23
C CYS A 144 3.64 12.42 14.67
N ILE A 145 4.26 11.24 14.59
CA ILE A 145 5.72 11.13 14.81
C ILE A 145 6.46 11.78 13.64
N ARG A 146 5.68 12.33 12.71
CA ARG A 146 6.14 13.09 11.56
C ARG A 146 6.65 14.47 12.00
N HIS A 147 6.00 15.03 13.02
CA HIS A 147 6.35 16.33 13.59
C HIS A 147 7.58 16.23 14.45
N GLU A 148 8.45 17.24 14.36
CA GLU A 148 9.71 17.28 15.09
C GLU A 148 9.57 17.19 16.63
N PRO A 149 8.72 18.04 17.26
CA PRO A 149 8.58 17.95 18.72
C PRO A 149 7.75 16.75 19.18
N LEU A 150 6.93 16.20 18.30
CA LEU A 150 6.01 15.12 18.67
C LEU A 150 6.67 13.75 18.88
N ALA A 151 7.63 13.41 18.02
CA ALA A 151 8.25 12.09 18.05
C ALA A 151 9.15 11.85 19.27
N LYS A 152 9.71 12.92 19.82
CA LYS A 152 10.59 12.84 20.99
C LYS A 152 9.90 12.18 22.19
N ILE A 153 8.58 12.29 22.24
CA ILE A 153 7.75 11.73 23.31
C ILE A 153 7.85 10.20 23.37
N ILE A 154 7.76 9.56 22.21
CA ILE A 154 7.71 8.10 22.11
C ILE A 154 9.10 7.46 22.20
N LEU A 155 10.03 8.02 21.44
CA LEU A 155 11.37 7.47 21.30
C LEU A 155 11.94 6.95 22.62
N TRP A 156 11.87 7.79 23.65
CA TRP A 156 12.48 7.50 24.96
C TRP A 156 11.68 6.58 25.87
N SER A 157 10.57 6.05 25.36
CA SER A 157 9.68 5.19 26.16
C SER A 157 10.31 3.85 26.58
N GLU A 158 9.73 3.25 27.62
CA GLU A 158 10.13 1.92 28.08
C GLU A 158 9.38 0.86 27.26
N GLN A 159 8.11 1.14 26.96
CA GLN A 159 7.31 0.24 26.14
C GLN A 159 7.55 0.52 24.66
N PHE A 160 8.62 1.26 24.37
CA PHE A 160 9.12 1.40 23.00
C PHE A 160 9.69 0.06 22.53
N TYR A 161 10.43 -0.59 23.42
CA TYR A 161 11.11 -1.85 23.12
C TYR A 161 10.14 -3.04 22.99
N ASP A 162 8.86 -2.72 22.80
CA ASP A 162 7.83 -3.71 22.53
C ASP A 162 7.84 -4.06 21.04
N PHE A 163 8.35 -3.14 20.23
CA PHE A 163 8.40 -3.31 18.77
C PHE A 163 8.98 -4.64 18.30
N PHE A 164 10.02 -5.12 18.98
CA PHE A 164 10.72 -6.33 18.55
C PHE A 164 9.83 -7.57 18.66
N ARG A 165 8.75 -7.44 19.43
CA ARG A 165 7.71 -8.46 19.49
C ARG A 165 6.64 -8.19 18.43
N TYR A 166 6.38 -6.90 18.18
CA TYR A 166 5.43 -6.49 17.13
C TYR A 166 5.92 -6.89 15.74
N VAL A 167 7.17 -6.56 15.44
CA VAL A 167 7.80 -6.88 14.16
C VAL A 167 7.86 -8.38 13.90
N GLU A 168 7.95 -9.17 14.97
CA GLU A 168 7.98 -10.62 14.83
C GLU A 168 6.58 -11.26 14.89
N MET A 169 5.54 -10.43 14.80
CA MET A 169 4.17 -10.92 14.74
C MET A 169 4.00 -11.75 13.48
N SER A 170 3.21 -12.82 13.57
CA SER A 170 2.96 -13.70 12.42
C SER A 170 2.33 -12.96 11.24
N THR A 171 1.15 -12.36 11.45
CA THR A 171 0.40 -11.68 10.39
C THR A 171 1.22 -10.59 9.68
N PHE A 172 1.75 -10.99 8.52
CA PHE A 172 2.66 -10.18 7.71
C PHE A 172 2.37 -8.68 7.72
N ASP A 173 1.20 -8.29 7.19
CA ASP A 173 0.84 -6.88 6.98
C ASP A 173 0.98 -6.01 8.22
N ILE A 174 0.79 -6.63 9.38
CA ILE A 174 1.00 -5.95 10.66
C ILE A 174 2.50 -5.95 11.02
N ALA A 175 3.15 -7.09 10.80
CA ALA A 175 4.59 -7.21 11.01
C ALA A 175 5.37 -6.33 10.03
N SER A 176 4.70 -5.87 8.97
CA SER A 176 5.30 -4.95 8.03
C SER A 176 5.12 -3.55 8.57
N ASP A 177 3.86 -3.19 8.79
CA ASP A 177 3.48 -1.88 9.28
C ASP A 177 4.18 -1.54 10.60
N ALA A 178 4.56 -2.57 11.35
CA ALA A 178 5.31 -2.39 12.59
C ALA A 178 6.71 -1.86 12.30
N PHE A 179 7.43 -2.56 11.43
CA PHE A 179 8.75 -2.15 10.98
C PHE A 179 8.74 -0.75 10.35
N ALA A 180 7.58 -0.32 9.85
CA ALA A 180 7.38 0.98 9.23
C ALA A 180 7.40 2.14 10.22
N THR A 181 6.82 1.91 11.40
CA THR A 181 6.81 2.91 12.47
C THR A 181 8.17 2.88 13.16
N PHE A 182 8.72 1.67 13.26
CA PHE A 182 10.06 1.44 13.76
C PHE A 182 11.07 2.34 13.03
N LYS A 183 11.03 2.30 11.70
CA LYS A 183 11.92 3.08 10.84
C LYS A 183 11.70 4.60 10.95
N ASP A 184 10.44 5.02 10.79
CA ASP A 184 10.03 6.43 10.77
C ASP A 184 10.37 7.18 12.06
N LEU A 185 10.75 6.44 13.10
CA LEU A 185 11.21 7.03 14.35
C LEU A 185 12.72 7.22 14.33
N LEU A 186 13.42 6.14 13.97
CA LEU A 186 14.88 6.12 13.97
C LEU A 186 15.46 6.84 12.75
N THR A 187 14.59 7.50 11.99
CA THR A 187 15.00 8.25 10.80
C THR A 187 14.44 9.69 10.79
N ARG A 188 13.11 9.80 10.78
CA ARG A 188 12.38 11.08 10.62
C ARG A 188 13.16 12.32 10.98
N HIS A 189 13.64 12.37 12.22
CA HIS A 189 14.42 13.49 12.73
C HIS A 189 15.78 12.99 13.08
N LYS A 190 16.76 13.32 12.25
CA LYS A 190 18.10 12.77 12.36
C LYS A 190 18.79 13.21 13.63
N LEU A 191 18.57 14.47 14.04
CA LEU A 191 19.16 15.03 15.26
C LEU A 191 18.55 14.40 16.52
N LEU A 192 17.22 14.29 16.51
CA LEU A 192 16.45 13.74 17.63
C LEU A 192 16.74 12.25 17.85
N SER A 193 17.06 11.56 16.77
CA SER A 193 17.30 10.12 16.78
C SER A 193 18.67 9.74 17.37
N ALA A 194 19.70 10.49 17.00
CA ALA A 194 21.06 10.26 17.49
C ALA A 194 21.14 10.32 19.02
N GLU A 195 20.23 11.10 19.60
CA GLU A 195 20.09 11.23 21.06
C GLU A 195 19.86 9.88 21.74
N PHE A 196 19.14 9.00 21.04
CA PHE A 196 18.68 7.74 21.62
C PHE A 196 19.76 6.66 21.65
N LEU A 197 20.30 6.33 20.48
CA LEU A 197 21.15 5.14 20.29
C LEU A 197 22.39 5.05 21.17
N GLU A 198 22.85 6.20 21.66
CA GLU A 198 24.03 6.27 22.53
C GLU A 198 23.66 5.93 23.97
N GLN A 199 22.57 6.52 24.45
CA GLN A 199 22.11 6.36 25.82
C GLN A 199 21.45 5.01 26.06
N HIS A 200 21.12 4.31 24.97
CA HIS A 200 20.46 3.00 25.04
C HIS A 200 21.06 2.06 24.04
N TYR A 201 22.39 2.00 23.99
CA TYR A 201 23.07 1.11 23.04
C TYR A 201 23.00 -0.36 23.45
N ASP A 202 23.21 -0.63 24.73
CA ASP A 202 23.30 -2.00 25.26
C ASP A 202 21.99 -2.77 25.12
N ARG A 203 20.89 -2.17 25.59
CA ARG A 203 19.57 -2.80 25.51
C ARG A 203 19.09 -2.92 24.07
N PHE A 204 19.31 -1.88 23.28
CA PHE A 204 18.81 -1.81 21.91
C PHE A 204 19.43 -2.82 20.94
N PHE A 205 20.76 -2.89 20.91
CA PHE A 205 21.43 -3.73 19.92
C PHE A 205 21.48 -5.21 20.28
N SER A 206 21.22 -5.52 21.53
CA SER A 206 21.01 -6.91 21.93
C SER A 206 19.64 -7.38 21.44
N GLU A 207 18.67 -6.46 21.49
CA GLU A 207 17.33 -6.69 20.95
C GLU A 207 17.32 -6.71 19.42
N TYR A 208 18.10 -5.83 18.81
CA TYR A 208 18.19 -5.73 17.36
C TYR A 208 18.85 -6.97 16.77
N GLU A 209 19.80 -7.55 17.49
CA GLU A 209 20.51 -8.74 17.06
C GLU A 209 19.58 -9.94 16.92
N LYS A 210 18.52 -9.96 17.73
CA LYS A 210 17.48 -10.99 17.63
C LYS A 210 16.88 -11.03 16.21
N LEU A 211 16.67 -9.84 15.65
CA LEU A 211 16.09 -9.68 14.30
C LEU A 211 16.98 -10.29 13.21
N LEU A 212 18.25 -9.91 13.21
CA LEU A 212 19.22 -10.37 12.21
C LEU A 212 19.34 -11.91 12.16
N HIS A 213 18.75 -12.58 13.15
CA HIS A 213 18.71 -14.04 13.20
C HIS A 213 17.42 -14.57 12.67
N SER A 214 16.30 -14.04 13.16
CA SER A 214 14.96 -14.46 12.73
C SER A 214 14.86 -14.61 11.22
N GLU A 215 14.23 -15.69 10.78
CA GLU A 215 13.99 -15.92 9.36
C GLU A 215 12.75 -16.81 9.21
N ASN A 216 11.66 -16.36 8.58
CA ASN A 216 11.39 -14.99 8.06
C ASN A 216 12.37 -14.30 7.12
N TYR A 217 12.20 -14.47 5.81
CA TYR A 217 13.04 -13.78 4.83
C TYR A 217 12.99 -12.25 4.93
N VAL A 218 11.80 -11.69 5.15
CA VAL A 218 11.62 -10.24 5.10
C VAL A 218 12.15 -9.56 6.35
N THR A 219 11.71 -10.01 7.53
CA THR A 219 12.18 -9.46 8.81
C THR A 219 13.71 -9.43 8.85
N LYS A 220 14.34 -10.52 8.42
CA LYS A 220 15.79 -10.65 8.34
C LYS A 220 16.41 -9.59 7.42
N ARG A 221 15.82 -9.44 6.24
CA ARG A 221 16.34 -8.53 5.22
C ARG A 221 16.26 -7.07 5.61
N GLN A 222 15.04 -6.59 5.83
CA GLN A 222 14.76 -5.18 6.13
C GLN A 222 15.61 -4.67 7.27
N SER A 223 15.71 -5.48 8.31
CA SER A 223 16.50 -5.15 9.48
C SER A 223 17.97 -4.96 9.11
N LEU A 224 18.54 -5.95 8.40
CA LEU A 224 19.94 -5.89 7.93
C LEU A 224 20.21 -4.63 7.08
N LYS A 225 19.23 -4.29 6.24
CA LYS A 225 19.29 -3.09 5.40
C LYS A 225 19.18 -1.82 6.25
N LEU A 226 18.24 -1.77 7.19
CA LEU A 226 18.08 -0.63 8.09
C LEU A 226 19.33 -0.40 8.93
N LEU A 227 20.09 -1.46 9.18
CA LEU A 227 21.35 -1.34 9.90
C LEU A 227 22.31 -0.42 9.16
N GLY A 228 22.60 -0.74 7.90
CA GLY A 228 23.47 0.06 7.04
C GLY A 228 23.13 1.55 7.06
N GLU A 229 21.86 1.87 6.80
CA GLU A 229 21.37 3.25 6.78
C GLU A 229 21.71 4.01 8.05
N LEU A 230 21.51 3.34 9.18
CA LEU A 230 21.73 3.94 10.48
C LEU A 230 23.20 4.20 10.77
N LEU A 231 24.08 3.40 10.16
CA LEU A 231 25.52 3.57 10.37
C LEU A 231 26.13 4.73 9.56
N LEU A 232 25.78 4.81 8.27
CA LEU A 232 26.31 5.88 7.41
C LEU A 232 25.54 7.20 7.57
N ASP A 233 24.63 7.24 8.55
CA ASP A 233 23.81 8.43 8.83
C ASP A 233 24.62 9.69 9.09
N ARG A 234 25.79 9.54 9.71
CA ARG A 234 26.71 10.66 9.97
C ARG A 234 26.29 11.56 11.13
N HIS A 235 25.01 11.51 11.48
CA HIS A 235 24.56 11.96 12.80
C HIS A 235 24.80 10.81 13.74
N ASN A 236 24.97 9.63 13.13
CA ASN A 236 25.30 8.41 13.85
C ASN A 236 26.69 7.90 13.47
N PHE A 237 27.67 8.78 13.62
CA PHE A 237 29.07 8.45 13.45
C PHE A 237 29.62 7.87 14.76
N THR A 238 29.15 8.40 15.89
CA THR A 238 29.54 7.93 17.22
C THR A 238 29.10 6.47 17.42
N ILE A 239 27.87 6.19 17.01
CA ILE A 239 27.23 4.88 17.21
C ILE A 239 27.92 3.78 16.40
N MET A 240 28.28 4.10 15.16
CA MET A 240 28.90 3.12 14.28
C MET A 240 30.29 2.70 14.74
N THR A 241 31.14 3.68 15.02
CA THR A 241 32.50 3.41 15.52
C THR A 241 32.42 2.50 16.74
N LYS A 242 31.32 2.64 17.48
CA LYS A 242 31.01 1.79 18.62
C LYS A 242 30.62 0.38 18.15
N TYR A 243 29.67 0.30 17.23
CA TYR A 243 29.18 -0.99 16.76
C TYR A 243 30.21 -1.74 15.91
N ILE A 244 30.96 -1.03 15.07
CA ILE A 244 31.93 -1.66 14.16
C ILE A 244 33.19 -2.15 14.88
N SER A 245 33.10 -2.21 16.20
CA SER A 245 34.25 -2.55 17.03
C SER A 245 34.14 -3.94 17.65
N LYS A 246 32.97 -4.30 18.16
CA LYS A 246 32.76 -5.65 18.71
C LYS A 246 32.98 -6.68 17.61
N PRO A 247 33.81 -7.70 17.88
CA PRO A 247 34.01 -8.78 16.91
C PRO A 247 32.77 -9.67 16.82
N GLU A 248 31.91 -9.61 17.84
CA GLU A 248 30.62 -10.30 17.87
C GLU A 248 29.81 -10.00 16.61
N ASN A 249 29.79 -8.72 16.22
CA ASN A 249 29.00 -8.26 15.10
C ASN A 249 29.58 -8.72 13.76
N LEU A 250 30.89 -8.62 13.63
CA LEU A 250 31.58 -8.99 12.40
C LEU A 250 31.54 -10.49 12.16
N LYS A 251 31.58 -11.26 13.24
CA LYS A 251 31.54 -12.71 13.14
C LYS A 251 30.26 -13.15 12.43
N LEU A 252 29.15 -12.57 12.84
CA LEU A 252 27.80 -12.88 12.31
C LEU A 252 27.60 -12.46 10.85
N MET A 253 28.03 -11.24 10.51
CA MET A 253 28.00 -10.74 9.14
C MET A 253 28.60 -11.75 8.18
N MET A 254 29.80 -12.21 8.53
CA MET A 254 30.54 -13.20 7.75
C MET A 254 29.70 -14.39 7.32
N ASN A 255 28.81 -14.86 8.20
CA ASN A 255 27.97 -16.01 7.89
C ASN A 255 26.75 -15.65 7.04
N LEU A 256 26.25 -14.43 7.21
CA LEU A 256 25.14 -13.96 6.39
C LEU A 256 25.55 -13.95 4.91
N LEU A 257 26.84 -13.79 4.66
CA LEU A 257 27.40 -13.85 3.32
C LEU A 257 27.38 -15.27 2.76
N ARG A 258 27.23 -16.26 3.63
CA ARG A 258 27.11 -17.66 3.22
C ARG A 258 25.65 -18.07 3.10
N ASP A 259 24.74 -17.09 3.20
CA ASP A 259 23.30 -17.31 3.31
C ASP A 259 22.64 -18.02 2.13
N LYS A 260 21.60 -18.78 2.44
CA LYS A 260 20.62 -19.31 1.48
C LYS A 260 20.40 -18.33 0.33
N SER A 261 20.16 -17.07 0.69
CA SER A 261 19.60 -16.05 -0.20
C SER A 261 20.61 -15.08 -0.81
N ARG A 262 20.43 -14.83 -2.11
CA ARG A 262 21.26 -13.90 -2.85
C ARG A 262 21.15 -12.46 -2.36
N ASN A 263 19.92 -11.95 -2.31
CA ASN A 263 19.70 -10.58 -1.86
C ASN A 263 20.13 -10.34 -0.42
N ILE A 264 20.05 -11.38 0.40
CA ILE A 264 20.45 -11.29 1.79
C ILE A 264 21.98 -11.13 1.88
N GLN A 265 22.70 -11.98 1.16
CA GLN A 265 24.17 -11.93 1.12
C GLN A 265 24.70 -10.54 0.79
N PHE A 266 24.19 -9.99 -0.32
CA PHE A 266 24.54 -8.67 -0.80
C PHE A 266 24.20 -7.58 0.21
N GLU A 267 23.08 -7.76 0.91
CA GLU A 267 22.63 -6.79 1.90
C GLU A 267 23.49 -6.80 3.16
N ALA A 268 24.20 -7.91 3.38
CA ALA A 268 25.16 -8.07 4.48
C ALA A 268 26.53 -7.47 4.13
N PHE A 269 26.96 -7.70 2.89
CA PHE A 269 28.16 -7.12 2.32
C PHE A 269 28.19 -5.59 2.50
N HIS A 270 27.04 -5.01 2.80
CA HIS A 270 26.92 -3.56 2.98
C HIS A 270 27.17 -3.12 4.40
N VAL A 271 27.15 -4.08 5.32
CA VAL A 271 27.55 -3.84 6.71
C VAL A 271 28.96 -4.43 6.93
N PHE A 272 29.26 -5.48 6.17
CA PHE A 272 30.58 -6.12 6.19
C PHE A 272 31.69 -5.16 5.78
N LYS A 273 31.47 -4.42 4.70
CA LYS A 273 32.47 -3.48 4.18
C LYS A 273 32.79 -2.40 5.20
N VAL A 274 31.77 -1.95 5.94
CA VAL A 274 31.90 -0.86 6.91
C VAL A 274 32.92 -1.22 7.99
N PHE A 275 32.90 -2.50 8.39
CA PHE A 275 33.86 -3.05 9.34
C PHE A 275 35.27 -2.97 8.75
N VAL A 276 35.42 -3.49 7.54
CA VAL A 276 36.72 -3.65 6.88
C VAL A 276 37.18 -2.38 6.14
N ALA A 277 36.63 -1.23 6.52
CA ALA A 277 36.99 0.07 5.94
C ALA A 277 37.36 1.12 6.99
N ASN A 278 37.13 0.81 8.26
CA ASN A 278 37.41 1.72 9.37
C ASN A 278 38.89 2.12 9.42
N PRO A 279 39.19 3.44 9.33
CA PRO A 279 40.57 3.89 9.45
C PRO A 279 41.20 3.40 10.76
N ASN A 280 40.54 3.69 11.88
CA ASN A 280 41.02 3.26 13.19
C ASN A 280 40.35 1.96 13.67
N LYS A 281 40.72 0.86 13.04
CA LYS A 281 40.28 -0.47 13.46
C LYS A 281 40.88 -0.83 14.82
N THR A 282 40.03 -1.28 15.74
CA THR A 282 40.49 -1.74 17.05
C THR A 282 40.98 -3.19 16.97
N GLN A 283 41.67 -3.63 18.02
CA GLN A 283 42.34 -4.93 18.04
C GLN A 283 41.45 -6.17 17.85
N PRO A 284 40.29 -6.24 18.53
CA PRO A 284 39.46 -7.44 18.33
C PRO A 284 39.07 -7.66 16.87
N ILE A 285 38.80 -6.57 16.15
CA ILE A 285 38.46 -6.63 14.72
C ILE A 285 39.67 -7.08 13.90
N LEU A 286 40.81 -6.41 14.11
CA LEU A 286 42.04 -6.73 13.38
C LEU A 286 42.53 -8.17 13.62
N ASP A 287 42.34 -8.66 14.85
CA ASP A 287 42.66 -10.04 15.21
C ASP A 287 41.85 -11.05 14.41
N ILE A 288 40.53 -10.88 14.43
CA ILE A 288 39.60 -11.79 13.74
C ILE A 288 39.71 -11.70 12.22
N LEU A 289 40.13 -10.55 11.70
CA LEU A 289 40.34 -10.39 10.28
C LEU A 289 41.57 -11.14 9.79
N LEU A 290 42.70 -10.93 10.49
CA LEU A 290 43.97 -11.60 10.18
C LEU A 290 43.84 -13.12 10.26
N LYS A 291 43.19 -13.57 11.34
CA LYS A 291 42.90 -14.98 11.58
C LYS A 291 42.26 -15.65 10.36
N ASN A 292 41.41 -14.90 9.66
CA ASN A 292 40.65 -15.44 8.55
C ASN A 292 41.19 -15.02 7.19
N GLN A 293 41.83 -13.85 7.16
CA GLN A 293 42.47 -13.26 5.97
C GLN A 293 42.78 -14.23 4.81
N ALA A 294 43.46 -15.33 5.12
CA ALA A 294 43.88 -16.33 4.13
C ALA A 294 42.75 -16.80 3.20
N LYS A 295 41.59 -17.11 3.79
CA LYS A 295 40.47 -17.71 3.05
C LYS A 295 39.28 -16.77 2.79
N LEU A 296 39.40 -15.51 3.23
CA LEU A 296 38.43 -14.48 2.87
C LEU A 296 38.64 -14.00 1.44
N ILE A 297 39.91 -13.84 1.06
CA ILE A 297 40.31 -13.55 -0.32
C ILE A 297 39.75 -14.63 -1.25
N GLU A 298 39.71 -15.86 -0.74
CA GLU A 298 39.14 -17.01 -1.43
C GLU A 298 37.64 -16.83 -1.65
N PHE A 299 36.97 -16.17 -0.72
CA PHE A 299 35.52 -15.90 -0.79
C PHE A 299 35.21 -14.69 -1.68
N LEU A 300 35.94 -13.60 -1.48
CA LEU A 300 35.73 -12.35 -2.20
C LEU A 300 36.22 -12.39 -3.64
N SER A 301 36.84 -13.49 -4.04
CA SER A 301 37.25 -13.67 -5.44
C SER A 301 36.03 -13.90 -6.33
N LYS A 302 35.13 -14.76 -5.85
CA LYS A 302 33.99 -15.24 -6.63
C LYS A 302 32.63 -14.71 -6.15
N PHE A 303 32.64 -13.64 -5.37
CA PHE A 303 31.42 -13.08 -4.77
C PHE A 303 30.56 -12.33 -5.77
N GLN A 304 29.36 -12.86 -6.01
CA GLN A 304 28.40 -12.36 -7.00
C GLN A 304 29.08 -11.64 -8.17
N ASN A 305 29.82 -12.41 -8.96
CA ASN A 305 30.68 -11.89 -10.03
C ASN A 305 29.94 -11.42 -11.28
N ASP A 306 28.61 -11.42 -11.21
CA ASP A 306 27.76 -11.17 -12.36
C ASP A 306 27.24 -9.73 -12.40
N ARG A 307 27.10 -9.11 -11.23
CA ARG A 307 26.61 -7.74 -11.12
C ARG A 307 27.65 -6.74 -11.64
N THR A 308 27.62 -6.50 -12.95
CA THR A 308 28.65 -5.72 -13.66
C THR A 308 28.14 -5.07 -14.96
N GLU A 309 27.30 -4.01 -14.93
CA GLU A 309 26.61 -3.42 -13.77
C GLU A 309 27.51 -2.70 -12.76
N ASP A 310 27.46 -3.16 -11.51
CA ASP A 310 27.92 -2.38 -10.38
C ASP A 310 29.45 -2.30 -10.27
N GLU A 311 30.01 -1.24 -10.84
CA GLU A 311 31.43 -0.92 -10.62
C GLU A 311 31.63 -0.65 -9.15
N GLN A 312 30.85 0.26 -8.58
CA GLN A 312 30.95 0.60 -7.16
C GLN A 312 30.95 -0.65 -6.26
N PHE A 313 30.30 -1.72 -6.71
CA PHE A 313 30.38 -2.99 -6.02
C PHE A 313 31.77 -3.59 -6.18
N ASN A 314 32.23 -3.73 -7.42
CA ASN A 314 33.54 -4.30 -7.70
C ASN A 314 34.72 -3.42 -7.27
N ASP A 315 34.50 -2.10 -7.27
CA ASP A 315 35.49 -1.13 -6.80
C ASP A 315 35.67 -1.27 -5.30
N GLU A 316 34.59 -1.62 -4.61
CA GLU A 316 34.67 -1.94 -3.20
C GLU A 316 35.21 -3.34 -3.01
N LYS A 317 34.94 -4.23 -3.96
CA LYS A 317 35.40 -5.62 -3.89
C LYS A 317 36.92 -5.73 -3.77
N THR A 318 37.62 -5.09 -4.71
CA THR A 318 39.09 -5.07 -4.72
C THR A 318 39.64 -4.32 -3.50
N TYR A 319 38.96 -3.24 -3.13
CA TYR A 319 39.35 -2.43 -1.98
C TYR A 319 39.33 -3.24 -0.69
N LEU A 320 38.37 -4.14 -0.56
CA LEU A 320 38.25 -5.00 0.62
C LEU A 320 39.35 -6.06 0.67
N VAL A 321 39.78 -6.52 -0.50
CA VAL A 321 40.87 -7.51 -0.61
C VAL A 321 42.26 -6.86 -0.42
N LYS A 322 42.34 -5.56 -0.68
CA LYS A 322 43.52 -4.76 -0.34
C LYS A 322 43.72 -4.72 1.17
N GLN A 323 42.70 -4.24 1.87
CA GLN A 323 42.68 -4.19 3.34
C GLN A 323 43.02 -5.53 3.95
N ILE A 324 42.33 -6.58 3.47
CA ILE A 324 42.49 -7.94 3.97
C ILE A 324 43.90 -8.48 3.71
N ARG A 325 44.38 -8.34 2.47
CA ARG A 325 45.70 -8.87 2.11
C ARG A 325 46.87 -8.08 2.72
N ASP A 326 46.66 -6.78 2.96
CA ASP A 326 47.72 -5.89 3.43
C ASP A 326 48.02 -5.93 4.93
N LEU A 327 47.05 -6.33 5.75
CA LEU A 327 47.28 -6.39 7.20
C LEU A 327 47.81 -7.77 7.64
N LYS A 328 48.99 -7.80 8.26
CA LYS A 328 49.84 -6.63 8.46
C LYS A 328 51.24 -6.86 7.88
N MET B 3 5.70 -19.79 10.75
CA MET B 3 4.36 -19.32 11.21
C MET B 3 3.32 -19.27 10.08
N ALA B 4 2.21 -19.97 10.31
CA ALA B 4 1.07 -20.00 9.37
C ALA B 4 1.53 -20.29 7.94
N ASP B 5 1.92 -21.54 7.71
CA ASP B 5 2.33 -22.03 6.40
C ASP B 5 1.13 -21.99 5.42
N PRO B 6 1.19 -21.09 4.41
CA PRO B 6 0.04 -20.88 3.55
C PRO B 6 -0.22 -22.05 2.60
N GLU B 7 0.77 -22.91 2.45
CA GLU B 7 0.66 -24.05 1.55
C GLU B 7 -0.33 -25.05 2.11
N GLU B 8 -0.39 -25.16 3.43
CA GLU B 8 -1.33 -26.07 4.07
C GLU B 8 -2.58 -25.33 4.55
N LEU B 9 -2.47 -24.02 4.69
CA LEU B 9 -3.63 -23.17 4.90
C LEU B 9 -4.53 -23.05 3.64
N PHE B 10 -3.90 -23.02 2.46
CA PHE B 10 -4.61 -22.92 1.18
C PHE B 10 -4.17 -24.00 0.20
N THR B 11 -5.05 -24.37 -0.71
CA THR B 11 -4.67 -25.29 -1.79
C THR B 11 -4.80 -24.60 -3.15
N LYS B 12 -3.70 -24.55 -3.90
CA LYS B 12 -3.68 -24.00 -5.25
C LYS B 12 -4.37 -24.94 -6.21
N LEU B 13 -5.22 -24.39 -7.06
CA LEU B 13 -5.86 -25.18 -8.11
C LEU B 13 -5.36 -24.62 -9.43
N GLU B 14 -6.24 -24.45 -10.43
CA GLU B 14 -5.79 -24.02 -11.77
C GLU B 14 -5.29 -22.57 -11.79
N ARG B 15 -4.73 -22.16 -12.93
CA ARG B 15 -3.85 -21.00 -13.00
C ARG B 15 -4.49 -19.66 -13.35
N ILE B 16 -5.73 -19.64 -13.80
CA ILE B 16 -6.52 -18.38 -13.96
C ILE B 16 -5.96 -17.28 -14.90
N GLY B 17 -5.20 -16.33 -14.35
CA GLY B 17 -5.04 -15.03 -15.00
C GLY B 17 -3.74 -14.56 -15.63
N LYS B 18 -2.67 -15.37 -15.53
CA LYS B 18 -1.31 -14.97 -16.00
C LYS B 18 -0.80 -13.76 -15.21
N GLY B 19 -1.30 -12.57 -15.56
CA GLY B 19 -0.95 -11.33 -14.89
C GLY B 19 -0.87 -11.44 -13.37
N GLY B 22 4.02 -12.53 -11.86
CA GLY B 22 2.77 -13.15 -12.31
C GLY B 22 2.25 -14.23 -11.36
N GLU B 23 1.60 -15.26 -11.93
CA GLU B 23 1.14 -16.42 -11.17
C GLU B 23 0.02 -16.07 -10.19
N VAL B 24 -1.20 -15.96 -10.69
CA VAL B 24 -2.37 -15.97 -9.82
C VAL B 24 -3.01 -17.34 -9.93
N PHE B 25 -3.61 -17.83 -8.86
CA PHE B 25 -4.14 -19.19 -8.83
C PHE B 25 -5.50 -19.26 -8.17
N LYS B 26 -6.44 -19.93 -8.84
CA LYS B 26 -7.68 -20.30 -8.21
C LYS B 26 -7.28 -21.21 -7.06
N GLY B 27 -7.86 -21.00 -5.89
CA GLY B 27 -7.51 -21.77 -4.70
C GLY B 27 -8.59 -21.79 -3.65
N ILE B 28 -8.43 -22.67 -2.66
CA ILE B 28 -9.42 -22.83 -1.62
C ILE B 28 -8.81 -22.64 -0.23
N ASP B 29 -9.47 -21.80 0.57
CA ASP B 29 -9.13 -21.64 1.97
C ASP B 29 -9.50 -22.96 2.62
N ASN B 30 -8.49 -23.80 2.82
CA ASN B 30 -8.68 -25.14 3.39
C ASN B 30 -9.51 -25.15 4.66
N ARG B 31 -9.44 -24.06 5.42
CA ARG B 31 -10.19 -23.89 6.66
C ARG B 31 -11.69 -23.65 6.40
N THR B 32 -12.02 -22.61 5.63
CA THR B 32 -13.42 -22.23 5.42
C THR B 32 -14.05 -22.71 4.10
N GLN B 33 -13.31 -23.50 3.33
CA GLN B 33 -13.74 -24.01 2.02
C GLN B 33 -14.24 -22.96 1.05
N GLN B 34 -13.86 -21.70 1.31
CA GLN B 34 -14.28 -20.58 0.49
C GLN B 34 -13.24 -20.29 -0.57
N VAL B 35 -13.67 -20.18 -1.83
CA VAL B 35 -12.74 -20.07 -2.97
C VAL B 35 -12.10 -18.69 -3.08
N VAL B 36 -10.80 -18.68 -3.42
CA VAL B 36 -10.00 -17.47 -3.51
C VAL B 36 -9.05 -17.48 -4.70
N ALA B 37 -8.64 -16.28 -5.13
CA ALA B 37 -7.50 -16.09 -6.04
C ALA B 37 -6.22 -15.75 -5.26
N ILE B 38 -5.17 -16.52 -5.50
CA ILE B 38 -3.89 -16.39 -4.79
C ILE B 38 -2.80 -15.93 -5.74
N LYS B 39 -2.23 -14.76 -5.47
CA LYS B 39 -1.09 -14.29 -6.26
C LYS B 39 0.17 -14.64 -5.49
N ILE B 40 1.09 -15.35 -6.15
CA ILE B 40 2.32 -15.77 -5.48
C ILE B 40 3.52 -15.03 -6.06
N ILE B 41 4.14 -14.19 -5.23
CA ILE B 41 5.22 -13.28 -5.64
C ILE B 41 6.58 -13.75 -5.13
N ASP B 42 7.63 -13.58 -5.94
CA ASP B 42 8.91 -14.23 -5.63
C ASP B 42 9.79 -13.64 -4.54
N LEU B 43 9.86 -12.31 -4.44
CA LEU B 43 10.71 -11.63 -3.43
C LEU B 43 12.23 -11.89 -3.54
N GLU B 44 12.60 -13.14 -3.85
CA GLU B 44 13.98 -13.45 -4.19
C GLU B 44 14.30 -12.92 -5.58
N GLU B 45 13.28 -12.84 -6.43
CA GLU B 45 13.40 -12.18 -7.73
C GLU B 45 13.04 -10.70 -7.61
N ALA B 46 11.85 -10.42 -7.10
CA ALA B 46 11.30 -9.05 -7.01
C ALA B 46 11.56 -8.18 -8.26
N GLU B 47 12.60 -7.32 -8.30
CA GLU B 47 13.43 -6.91 -7.16
C GLU B 47 13.16 -5.44 -6.85
N ASP B 48 11.93 -5.03 -7.17
CA ASP B 48 11.44 -3.67 -6.96
C ASP B 48 11.23 -3.48 -5.47
N GLU B 49 12.32 -3.65 -4.74
CA GLU B 49 12.27 -3.78 -3.30
C GLU B 49 11.02 -4.53 -2.86
N ILE B 50 10.75 -4.38 -1.58
CA ILE B 50 9.65 -5.04 -0.92
C ILE B 50 8.73 -3.92 -0.49
N GLU B 51 9.33 -2.75 -0.27
CA GLU B 51 8.62 -1.56 0.18
C GLU B 51 7.61 -1.09 -0.86
N ASP B 52 7.82 -1.51 -2.11
CA ASP B 52 6.84 -1.29 -3.17
C ASP B 52 5.74 -2.34 -3.11
N ILE B 53 6.14 -3.59 -2.83
CA ILE B 53 5.18 -4.68 -2.74
C ILE B 53 4.35 -4.49 -1.48
N GLN B 54 5.02 -4.13 -0.39
CA GLN B 54 4.33 -3.84 0.87
C GLN B 54 3.45 -2.61 0.71
N GLN B 55 3.89 -1.69 -0.14
CA GLN B 55 3.11 -0.51 -0.47
C GLN B 55 1.85 -0.87 -1.26
N GLU B 56 2.02 -1.71 -2.27
CA GLU B 56 0.92 -2.19 -3.11
C GLU B 56 -0.14 -2.93 -2.28
N ILE B 57 0.29 -3.50 -1.16
CA ILE B 57 -0.60 -4.20 -0.25
C ILE B 57 -1.35 -3.22 0.63
N THR B 58 -0.61 -2.29 1.25
CA THR B 58 -1.23 -1.32 2.15
C THR B 58 -2.39 -0.61 1.48
N VAL B 59 -2.21 -0.24 0.21
CA VAL B 59 -3.27 0.40 -0.55
C VAL B 59 -4.50 -0.49 -0.68
N LEU B 60 -4.30 -1.77 -1.00
CA LEU B 60 -5.40 -2.72 -1.19
C LEU B 60 -6.26 -2.86 0.06
N SER B 61 -5.60 -3.00 1.22
CA SER B 61 -6.30 -3.17 2.48
C SER B 61 -7.17 -1.94 2.80
N GLN B 62 -6.78 -0.78 2.27
CA GLN B 62 -7.56 0.44 2.40
C GLN B 62 -8.87 0.36 1.62
N CYS B 63 -8.86 -0.34 0.49
CA CYS B 63 -10.06 -0.48 -0.35
C CYS B 63 -11.06 -1.44 0.27
N ASP B 64 -12.34 -1.08 0.18
CA ASP B 64 -13.43 -1.92 0.69
C ASP B 64 -14.72 -1.74 -0.10
N SER B 65 -14.59 -1.35 -1.36
CA SER B 65 -15.75 -1.21 -2.22
C SER B 65 -16.16 -2.58 -2.72
N SER B 66 -17.47 -2.79 -2.84
CA SER B 66 -17.99 -4.01 -3.44
C SER B 66 -18.00 -3.89 -4.97
N TYR B 67 -17.34 -2.86 -5.48
CA TYR B 67 -17.11 -2.73 -6.93
C TYR B 67 -15.64 -2.97 -7.25
N VAL B 68 -14.87 -3.34 -6.23
CA VAL B 68 -13.46 -3.69 -6.39
C VAL B 68 -13.17 -4.96 -5.60
N THR B 69 -12.34 -5.85 -6.15
CA THR B 69 -12.12 -7.16 -5.54
C THR B 69 -11.47 -7.04 -4.17
N LYS B 70 -12.10 -7.66 -3.17
CA LYS B 70 -11.65 -7.59 -1.76
C LYS B 70 -10.30 -8.27 -1.51
N TYR B 71 -9.41 -7.54 -0.83
CA TYR B 71 -8.15 -8.08 -0.37
C TYR B 71 -8.33 -8.87 0.92
N TYR B 72 -7.81 -10.09 0.96
CA TYR B 72 -8.01 -10.96 2.11
C TYR B 72 -6.71 -11.25 2.83
N GLY B 73 -5.72 -10.38 2.68
CA GLY B 73 -4.44 -10.54 3.39
C GLY B 73 -3.36 -11.27 2.61
N SER B 74 -2.23 -11.51 3.27
CA SER B 74 -1.09 -12.16 2.64
C SER B 74 -0.30 -12.96 3.65
N TYR B 75 0.37 -13.99 3.14
CA TYR B 75 1.15 -14.92 3.96
C TYR B 75 2.50 -15.18 3.32
N LEU B 76 3.53 -15.37 4.14
CA LEU B 76 4.87 -15.63 3.63
C LEU B 76 5.29 -17.08 3.85
N LYS B 77 5.79 -17.69 2.78
CA LYS B 77 6.37 -19.03 2.83
C LYS B 77 7.78 -18.97 2.26
N GLY B 78 8.78 -19.03 3.15
CA GLY B 78 10.18 -18.81 2.78
C GLY B 78 10.38 -17.42 2.18
N SER B 79 10.69 -17.39 0.88
CA SER B 79 10.85 -16.12 0.17
C SER B 79 9.63 -15.78 -0.69
N LYS B 80 8.60 -16.64 -0.71
CA LYS B 80 7.45 -16.40 -1.56
C LYS B 80 6.25 -15.89 -0.76
N LEU B 81 5.65 -14.81 -1.24
CA LEU B 81 4.53 -14.16 -0.55
C LEU B 81 3.19 -14.38 -1.27
N TRP B 82 2.32 -15.18 -0.66
CA TRP B 82 0.98 -15.41 -1.22
C TRP B 82 0.07 -14.28 -0.86
N ILE B 83 -0.40 -13.56 -1.86
CA ILE B 83 -1.42 -12.54 -1.64
C ILE B 83 -2.79 -13.15 -2.00
N ILE B 84 -3.75 -13.06 -1.08
CA ILE B 84 -5.05 -13.71 -1.27
C ILE B 84 -6.16 -12.70 -1.54
N MET B 85 -7.04 -13.04 -2.49
CA MET B 85 -8.11 -12.12 -2.91
C MET B 85 -9.45 -12.75 -3.24
N GLU B 86 -10.51 -11.95 -3.12
CA GLU B 86 -11.87 -12.33 -3.46
C GLU B 86 -11.97 -12.84 -4.88
N TYR B 87 -12.27 -14.13 -5.02
CA TYR B 87 -12.35 -14.79 -6.32
C TYR B 87 -13.72 -14.56 -6.95
N LEU B 88 -13.73 -14.11 -8.20
CA LEU B 88 -14.98 -13.90 -8.92
C LEU B 88 -15.23 -15.01 -9.92
N GLY B 89 -16.44 -15.57 -9.85
CA GLY B 89 -16.78 -16.79 -10.59
C GLY B 89 -16.89 -16.64 -12.08
N GLY B 90 -17.59 -15.60 -12.52
CA GLY B 90 -17.88 -15.38 -13.93
C GLY B 90 -16.66 -15.25 -14.80
N GLY B 91 -15.62 -14.62 -14.28
CA GLY B 91 -14.41 -14.38 -15.07
C GLY B 91 -14.32 -12.97 -15.61
N SER B 92 -13.47 -12.75 -16.61
CA SER B 92 -13.29 -11.42 -17.16
C SER B 92 -14.42 -11.09 -18.13
N ALA B 93 -14.62 -9.80 -18.40
CA ALA B 93 -15.58 -9.34 -19.39
C ALA B 93 -15.05 -9.64 -20.79
N LEU B 94 -13.73 -9.61 -20.91
CA LEU B 94 -13.07 -10.00 -22.14
C LEU B 94 -13.23 -11.49 -22.42
N ASP B 95 -13.30 -12.31 -21.38
CA ASP B 95 -13.59 -13.71 -21.55
C ASP B 95 -15.03 -13.94 -21.96
N LEU B 96 -15.94 -13.24 -21.29
CA LEU B 96 -17.37 -13.36 -21.54
C LEU B 96 -17.70 -13.01 -22.97
N LEU B 97 -16.85 -12.16 -23.54
CA LEU B 97 -16.98 -11.73 -24.92
C LEU B 97 -16.82 -12.87 -25.90
N ARG B 98 -16.04 -13.89 -25.53
CA ARG B 98 -15.68 -14.97 -26.44
C ARG B 98 -16.87 -15.78 -26.94
N ALA B 99 -17.99 -15.67 -26.24
CA ALA B 99 -19.19 -16.41 -26.62
C ALA B 99 -20.12 -15.60 -27.52
N GLY B 100 -19.61 -14.49 -28.06
CA GLY B 100 -20.43 -13.54 -28.83
C GLY B 100 -20.49 -12.18 -28.14
N PRO B 101 -20.89 -11.13 -28.88
CA PRO B 101 -20.81 -9.73 -28.42
C PRO B 101 -21.84 -9.36 -27.34
N PHE B 102 -21.98 -8.06 -27.06
CA PHE B 102 -22.80 -7.57 -25.94
C PHE B 102 -23.93 -6.59 -26.29
N ASP B 103 -25.04 -6.62 -25.55
CA ASP B 103 -26.14 -5.63 -25.68
C ASP B 103 -25.69 -4.27 -25.24
N GLU B 104 -26.09 -3.21 -25.95
CA GLU B 104 -25.77 -1.86 -25.47
C GLU B 104 -26.30 -1.72 -24.07
N PHE B 105 -27.23 -2.60 -23.69
CA PHE B 105 -27.76 -2.53 -22.34
C PHE B 105 -26.83 -3.25 -21.37
N GLN B 106 -26.32 -4.43 -21.75
CA GLN B 106 -25.34 -5.15 -20.90
C GLN B 106 -24.09 -4.32 -20.70
N ILE B 107 -23.59 -3.73 -21.78
CA ILE B 107 -22.49 -2.77 -21.76
C ILE B 107 -22.72 -1.66 -20.74
N ALA B 108 -23.87 -0.98 -20.86
CA ALA B 108 -24.22 0.11 -19.98
C ALA B 108 -24.24 -0.33 -18.52
N THR B 109 -24.87 -1.47 -18.25
CA THR B 109 -24.92 -2.04 -16.90
C THR B 109 -23.52 -2.17 -16.30
N MET B 110 -22.58 -2.70 -17.07
CA MET B 110 -21.19 -2.84 -16.65
C MET B 110 -20.61 -1.48 -16.34
N LEU B 111 -20.54 -0.61 -17.35
CA LEU B 111 -19.98 0.73 -17.17
C LEU B 111 -20.51 1.44 -15.92
N LYS B 112 -21.83 1.38 -15.69
CA LYS B 112 -22.42 1.92 -14.45
C LYS B 112 -21.72 1.35 -13.22
N GLU B 113 -21.51 0.03 -13.21
CA GLU B 113 -20.83 -0.63 -12.10
C GLU B 113 -19.38 -0.17 -11.98
N ILE B 114 -18.59 -0.36 -13.04
CA ILE B 114 -17.19 0.12 -13.08
C ILE B 114 -17.14 1.54 -12.54
N LEU B 115 -18.04 2.38 -13.06
CA LEU B 115 -18.09 3.78 -12.69
C LEU B 115 -18.26 3.93 -11.18
N LYS B 116 -19.17 3.15 -10.61
CA LYS B 116 -19.37 3.15 -9.16
C LYS B 116 -18.07 2.84 -8.43
N GLY B 117 -17.37 1.81 -8.90
CA GLY B 117 -16.07 1.46 -8.36
C GLY B 117 -15.07 2.59 -8.51
N LEU B 118 -15.01 3.16 -9.71
CA LEU B 118 -14.09 4.24 -10.02
C LEU B 118 -14.35 5.48 -9.18
N ASP B 119 -15.60 5.73 -8.82
CA ASP B 119 -15.91 6.83 -7.93
C ASP B 119 -15.27 6.61 -6.57
N TYR B 120 -15.55 5.44 -5.97
CA TYR B 120 -14.98 5.04 -4.66
C TYR B 120 -13.49 5.31 -4.61
N LEU B 121 -12.80 4.81 -5.64
CA LEU B 121 -11.37 4.97 -5.76
C LEU B 121 -10.97 6.43 -5.93
N HIS B 122 -11.74 7.17 -6.72
CA HIS B 122 -11.44 8.57 -6.95
C HIS B 122 -11.70 9.42 -5.76
N SER B 123 -12.71 9.06 -4.97
CA SER B 123 -13.02 9.78 -3.74
C SER B 123 -11.87 9.68 -2.76
N GLU B 124 -11.26 8.49 -2.71
CA GLU B 124 -10.14 8.22 -1.81
C GLU B 124 -8.77 8.51 -2.42
N LYS B 125 -8.72 9.50 -3.32
CA LYS B 125 -7.48 9.93 -3.98
C LYS B 125 -6.62 8.75 -4.42
N LYS B 126 -7.26 7.74 -4.99
CA LYS B 126 -6.59 6.60 -5.62
C LYS B 126 -6.98 6.56 -7.08
N ILE B 127 -6.10 6.01 -7.91
CA ILE B 127 -6.45 5.73 -9.31
C ILE B 127 -6.44 4.23 -9.56
N HIS B 128 -6.97 3.79 -10.70
CA HIS B 128 -6.84 2.38 -11.06
C HIS B 128 -5.70 2.06 -11.98
N ARG B 129 -5.49 2.89 -12.99
CA ARG B 129 -4.30 2.80 -13.84
C ARG B 129 -4.22 1.53 -14.72
N ASP B 130 -5.24 0.67 -14.70
CA ASP B 130 -5.23 -0.47 -15.61
C ASP B 130 -6.63 -0.92 -15.95
N ILE B 131 -7.35 -0.07 -16.67
CA ILE B 131 -8.74 -0.33 -17.01
C ILE B 131 -8.87 -0.83 -18.43
N LYS B 132 -9.16 -2.12 -18.55
CA LYS B 132 -9.36 -2.79 -19.83
C LYS B 132 -10.45 -3.84 -19.63
N ALA B 133 -11.03 -4.34 -20.72
CA ALA B 133 -12.11 -5.32 -20.59
C ALA B 133 -11.61 -6.46 -19.75
N ALA B 134 -10.32 -6.77 -19.92
CA ALA B 134 -9.66 -7.90 -19.27
C ALA B 134 -9.69 -7.87 -17.74
N ASN B 135 -9.64 -6.66 -17.15
CA ASN B 135 -9.63 -6.51 -15.70
C ASN B 135 -10.98 -6.21 -15.11
N VAL B 136 -12.04 -6.44 -15.88
CA VAL B 136 -13.41 -6.31 -15.40
C VAL B 136 -13.96 -7.70 -15.15
N LEU B 137 -14.26 -8.00 -13.90
CA LEU B 137 -14.68 -9.36 -13.55
C LEU B 137 -16.13 -9.47 -13.15
N LEU B 138 -16.69 -10.65 -13.39
CA LEU B 138 -18.07 -10.91 -13.04
C LEU B 138 -18.20 -12.03 -12.03
N SER B 139 -19.26 -11.96 -11.22
CA SER B 139 -19.53 -13.03 -10.27
C SER B 139 -20.35 -14.09 -10.97
N GLU B 140 -20.62 -15.17 -10.25
CA GLU B 140 -21.54 -16.19 -10.70
C GLU B 140 -22.95 -15.62 -10.89
N GLN B 141 -23.34 -14.66 -10.05
CA GLN B 141 -24.66 -14.03 -10.13
C GLN B 141 -24.64 -12.71 -10.89
N GLY B 142 -23.48 -12.37 -11.44
CA GLY B 142 -23.38 -11.28 -12.40
C GLY B 142 -23.02 -9.90 -11.87
N ASP B 143 -22.53 -9.84 -10.64
CA ASP B 143 -22.04 -8.58 -10.08
C ASP B 143 -20.79 -8.21 -10.86
N VAL B 144 -20.67 -6.94 -11.22
CA VAL B 144 -19.49 -6.48 -11.94
C VAL B 144 -18.60 -5.71 -10.99
N LYS B 145 -17.32 -6.10 -10.94
CA LYS B 145 -16.32 -5.41 -10.13
C LYS B 145 -14.92 -5.39 -10.76
N LEU B 146 -14.10 -4.45 -10.29
CA LEU B 146 -12.76 -4.20 -10.82
C LEU B 146 -11.69 -5.05 -10.16
N ALA B 147 -10.90 -5.72 -10.98
CA ALA B 147 -9.75 -6.46 -10.50
C ALA B 147 -8.91 -5.42 -9.79
N ALA B 148 -8.77 -5.57 -8.47
CA ALA B 148 -8.12 -4.56 -7.64
C ALA B 148 -6.62 -4.45 -7.87
N PHE B 149 -6.06 -5.39 -8.62
CA PHE B 149 -4.63 -5.42 -8.80
C PHE B 149 -4.05 -4.19 -9.47
N GLY B 150 -4.85 -3.50 -10.26
CA GLY B 150 -4.47 -2.20 -10.80
C GLY B 150 -4.26 -1.10 -9.76
N VAL B 151 -5.09 -1.10 -8.71
CA VAL B 151 -5.25 0.04 -7.79
C VAL B 151 -3.96 0.64 -7.23
N ALA B 152 -3.95 1.97 -7.08
CA ALA B 152 -2.78 2.69 -6.62
C ALA B 152 -3.13 4.09 -6.11
N GLY B 153 -2.38 4.56 -5.12
CA GLY B 153 -2.50 5.92 -4.62
C GLY B 153 -2.00 6.92 -5.65
N GLN B 154 -2.53 8.14 -5.59
CA GLN B 154 -2.28 9.18 -6.59
C GLN B 154 -0.80 9.51 -6.84
N LEU B 155 -0.02 9.61 -5.76
CA LEU B 155 1.35 10.11 -5.83
C LEU B 155 2.41 8.99 -5.95
N THR B 156 3.66 9.41 -6.16
CA THR B 156 4.87 8.56 -6.23
C THR B 156 4.90 7.46 -7.32
N ASP B 157 4.37 7.81 -8.50
CA ASP B 157 4.53 7.05 -9.77
C ASP B 157 4.17 5.56 -9.73
N THR B 158 3.35 5.13 -10.71
CA THR B 158 2.93 3.72 -10.79
C THR B 158 4.00 2.83 -11.44
N GLN B 159 4.20 2.99 -12.74
CA GLN B 159 4.92 2.03 -13.59
C GLN B 159 6.36 1.65 -13.19
N ILE B 160 7.16 2.65 -12.81
CA ILE B 160 8.58 2.48 -12.44
C ILE B 160 9.38 1.39 -13.20
N LYS B 161 9.45 0.15 -12.68
CA LYS B 161 10.40 -0.84 -13.22
C LYS B 161 9.99 -2.33 -13.30
N ARG B 162 8.84 -2.72 -12.73
CA ARG B 162 8.35 -4.12 -12.84
C ARG B 162 7.13 -4.37 -11.97
N ASN B 163 6.27 -5.29 -12.41
CA ASN B 163 4.93 -5.53 -11.81
C ASN B 163 4.23 -4.23 -11.38
N THR B 164 4.38 -3.21 -12.20
CA THR B 164 3.75 -1.89 -12.02
C THR B 164 3.42 -1.26 -13.37
N PHE B 165 4.33 -1.45 -14.34
CA PHE B 165 4.15 -0.91 -15.68
C PHE B 165 3.00 -1.56 -16.45
N VAL B 166 2.49 -0.83 -17.43
CA VAL B 166 1.51 -1.40 -18.35
C VAL B 166 2.26 -1.86 -19.59
N GLY B 167 2.07 -3.13 -19.96
CA GLY B 167 2.65 -3.69 -21.18
C GLY B 167 2.04 -3.07 -22.44
N THR B 168 0.71 -2.96 -22.47
CA THR B 168 0.01 -2.41 -23.64
C THR B 168 -0.38 -0.95 -23.48
N PRO B 169 -0.06 -0.14 -24.50
CA PRO B 169 -0.38 1.28 -24.56
C PRO B 169 -1.80 1.58 -25.07
N PHE B 170 -2.53 0.55 -25.48
CA PHE B 170 -3.80 0.76 -26.18
C PHE B 170 -4.82 1.55 -25.39
N TRP B 171 -4.90 1.29 -24.09
CA TRP B 171 -5.86 1.97 -23.24
C TRP B 171 -5.26 3.14 -22.55
N MET B 172 -4.02 3.48 -22.89
CA MET B 172 -3.31 4.56 -22.21
C MET B 172 -3.75 5.95 -22.68
N ALA B 173 -3.96 6.87 -21.74
CA ALA B 173 -4.28 8.27 -22.06
C ALA B 173 -3.10 9.01 -22.68
N PRO B 174 -3.34 10.10 -23.43
CA PRO B 174 -2.21 10.80 -24.04
C PRO B 174 -1.32 11.59 -23.07
N GLU B 175 -1.87 12.09 -21.98
CA GLU B 175 -1.05 12.81 -20.99
C GLU B 175 -0.21 11.86 -20.14
N VAL B 176 -0.52 10.57 -20.19
CA VAL B 176 0.29 9.55 -19.53
C VAL B 176 1.52 9.27 -20.39
N ILE B 177 1.24 9.01 -21.67
CA ILE B 177 2.26 8.71 -22.64
C ILE B 177 3.31 9.82 -22.72
N GLN B 178 2.85 11.07 -22.70
CA GLN B 178 3.74 12.22 -22.75
C GLN B 178 4.40 12.47 -21.39
N GLN B 179 4.21 11.55 -20.44
CA GLN B 179 4.82 11.58 -19.10
C GLN B 179 4.27 12.68 -18.20
N SER B 180 3.58 13.66 -18.80
CA SER B 180 3.14 14.88 -18.11
C SER B 180 2.05 14.66 -17.06
N ALA B 181 2.33 15.14 -15.85
CA ALA B 181 1.37 15.17 -14.73
C ALA B 181 0.51 13.90 -14.59
N TYR B 182 -0.73 14.01 -15.06
CA TYR B 182 -1.74 12.92 -15.10
C TYR B 182 -2.31 12.50 -13.72
N ASP B 183 -3.63 12.50 -13.63
CA ASP B 183 -4.34 12.19 -12.39
C ASP B 183 -5.44 11.17 -12.65
N SER B 184 -6.56 11.32 -11.94
CA SER B 184 -7.72 10.43 -12.08
C SER B 184 -8.45 10.56 -13.42
N LYS B 185 -8.23 11.68 -14.12
CA LYS B 185 -8.86 11.91 -15.42
C LYS B 185 -8.29 11.06 -16.55
N ALA B 186 -7.11 10.47 -16.32
CA ALA B 186 -6.55 9.50 -17.25
C ALA B 186 -7.20 8.13 -17.05
N ASP B 187 -7.86 7.96 -15.90
CA ASP B 187 -8.67 6.77 -15.67
C ASP B 187 -9.85 6.83 -16.60
N ILE B 188 -10.50 7.99 -16.64
CA ILE B 188 -11.67 8.18 -17.50
C ILE B 188 -11.37 7.71 -18.92
N TRP B 189 -10.25 8.18 -19.48
CA TRP B 189 -9.86 7.85 -20.85
C TRP B 189 -9.80 6.36 -21.13
N SER B 190 -9.22 5.60 -20.21
CA SER B 190 -9.22 4.14 -20.34
C SER B 190 -10.65 3.58 -20.34
N LEU B 191 -11.47 4.04 -19.41
CA LEU B 191 -12.89 3.66 -19.40
C LEU B 191 -13.51 3.91 -20.78
N GLY B 192 -13.10 5.01 -21.42
CA GLY B 192 -13.49 5.31 -22.79
C GLY B 192 -13.04 4.16 -23.68
N ILE B 193 -11.74 3.87 -23.67
CA ILE B 193 -11.20 2.78 -24.50
C ILE B 193 -11.86 1.43 -24.16
N THR B 194 -12.08 1.21 -22.87
CA THR B 194 -12.74 0.01 -22.46
C THR B 194 -14.11 -0.08 -23.11
N ALA B 195 -14.85 1.02 -23.14
CA ALA B 195 -16.17 1.00 -23.74
C ALA B 195 -16.07 0.55 -25.18
N ILE B 196 -15.19 1.16 -25.97
CA ILE B 196 -15.02 0.78 -27.39
C ILE B 196 -14.68 -0.70 -27.53
N GLU B 197 -13.89 -1.19 -26.58
CA GLU B 197 -13.47 -2.59 -26.55
C GLU B 197 -14.66 -3.49 -26.30
N LEU B 198 -15.44 -3.15 -25.28
CA LEU B 198 -16.66 -3.87 -24.98
C LEU B 198 -17.66 -3.83 -26.13
N ALA B 199 -17.61 -2.76 -26.93
CA ALA B 199 -18.47 -2.66 -28.09
C ALA B 199 -17.93 -3.48 -29.24
N LYS B 200 -16.65 -3.27 -29.57
CA LYS B 200 -16.02 -3.87 -30.76
C LYS B 200 -15.20 -5.14 -30.51
N GLY B 201 -14.90 -5.42 -29.25
CA GLY B 201 -14.15 -6.62 -28.89
C GLY B 201 -12.66 -6.42 -28.76
N GLU B 202 -12.20 -5.18 -28.98
CA GLU B 202 -10.79 -4.85 -28.86
C GLU B 202 -10.55 -3.37 -29.09
N PRO B 203 -9.67 -2.75 -28.29
CA PRO B 203 -9.31 -1.34 -28.33
C PRO B 203 -8.87 -0.89 -29.70
N PRO B 204 -8.96 0.41 -29.96
CA PRO B 204 -8.57 0.97 -31.25
C PRO B 204 -7.13 0.62 -31.56
N ASN B 205 -6.89 0.17 -32.80
CA ASN B 205 -5.55 -0.07 -33.32
C ASN B 205 -4.88 -1.37 -32.89
N SER B 206 -5.68 -2.38 -32.54
CA SER B 206 -5.13 -3.69 -32.18
C SER B 206 -4.33 -4.31 -33.32
N ASP B 207 -4.69 -3.95 -34.54
CA ASP B 207 -3.94 -4.33 -35.74
C ASP B 207 -2.54 -3.74 -35.76
N MET B 208 -2.35 -2.61 -35.07
CA MET B 208 -1.10 -1.89 -35.12
C MET B 208 0.00 -2.39 -34.18
N HIS B 209 1.19 -1.85 -34.40
CA HIS B 209 2.38 -2.21 -33.63
C HIS B 209 2.57 -1.24 -32.50
N PRO B 210 2.67 -1.76 -31.26
CA PRO B 210 2.58 -0.97 -30.03
C PRO B 210 3.43 0.28 -29.98
N MET B 211 4.61 0.23 -30.59
CA MET B 211 5.46 1.41 -30.63
C MET B 211 4.83 2.50 -31.48
N ARG B 212 4.28 2.10 -32.63
CA ARG B 212 3.63 3.00 -33.57
C ARG B 212 2.44 3.66 -32.89
N VAL B 213 1.64 2.82 -32.23
CA VAL B 213 0.43 3.24 -31.52
C VAL B 213 0.76 4.33 -30.53
N LEU B 214 1.77 4.08 -29.70
CA LEU B 214 2.12 4.96 -28.60
C LEU B 214 2.41 6.40 -29.04
N PHE B 215 2.92 6.55 -30.26
CA PHE B 215 3.24 7.87 -30.79
C PHE B 215 2.05 8.51 -31.47
N LEU B 216 1.06 7.70 -31.82
CA LEU B 216 -0.13 8.18 -32.52
C LEU B 216 -1.17 8.78 -31.57
N ILE B 217 -1.40 8.09 -30.45
CA ILE B 217 -2.33 8.52 -29.41
C ILE B 217 -2.31 10.03 -29.08
N PRO B 218 -1.12 10.62 -28.87
CA PRO B 218 -1.14 12.06 -28.61
C PRO B 218 -1.19 12.92 -29.87
N LYS B 219 -0.68 12.41 -30.99
CA LYS B 219 -0.67 13.18 -32.24
C LYS B 219 -2.06 13.25 -32.85
N ASN B 220 -2.70 12.10 -32.92
CA ASN B 220 -3.98 11.98 -33.58
C ASN B 220 -5.16 12.57 -32.84
N ASN B 221 -6.27 12.64 -33.56
CA ASN B 221 -7.57 12.79 -32.95
C ASN B 221 -7.90 11.53 -32.12
N PRO B 222 -8.77 11.67 -31.11
CA PRO B 222 -9.12 10.52 -30.30
C PRO B 222 -9.92 9.50 -31.10
N PRO B 223 -9.86 8.21 -30.70
CA PRO B 223 -10.74 7.21 -31.28
C PRO B 223 -12.19 7.52 -30.95
N THR B 224 -13.11 6.86 -31.65
CA THR B 224 -14.53 7.14 -31.56
C THR B 224 -15.28 5.90 -31.98
N LEU B 225 -16.42 5.65 -31.35
CA LEU B 225 -17.22 4.47 -31.69
C LEU B 225 -17.80 4.55 -33.11
N VAL B 226 -17.65 3.46 -33.87
CA VAL B 226 -18.14 3.43 -35.25
C VAL B 226 -19.05 2.20 -35.51
N GLY B 227 -20.25 2.44 -36.04
CA GLY B 227 -21.16 1.34 -36.40
C GLY B 227 -22.64 1.48 -36.06
N ASP B 228 -23.22 0.39 -35.56
CA ASP B 228 -24.64 0.33 -35.26
C ASP B 228 -24.89 0.59 -33.78
N PHE B 229 -24.68 1.83 -33.34
CA PHE B 229 -24.73 2.11 -31.92
C PHE B 229 -25.51 3.39 -31.62
N THR B 230 -26.36 3.35 -30.59
CA THR B 230 -27.22 4.49 -30.23
C THR B 230 -26.39 5.74 -30.00
N LYS B 231 -26.82 6.84 -30.61
CA LYS B 231 -26.09 8.11 -30.57
C LYS B 231 -25.56 8.52 -29.20
N SER B 232 -26.24 8.09 -28.13
CA SER B 232 -25.83 8.44 -26.78
C SER B 232 -24.65 7.60 -26.30
N PHE B 233 -24.53 6.38 -26.82
CA PHE B 233 -23.33 5.54 -26.63
C PHE B 233 -22.16 6.31 -27.22
N LYS B 234 -22.18 6.48 -28.54
CA LYS B 234 -21.17 7.28 -29.23
C LYS B 234 -20.84 8.60 -28.51
N GLU B 235 -21.85 9.27 -27.96
CA GLU B 235 -21.63 10.51 -27.21
C GLU B 235 -20.92 10.28 -25.89
N PHE B 236 -21.31 9.23 -25.19
CA PHE B 236 -20.69 8.84 -23.93
C PHE B 236 -19.20 8.64 -24.13
N ILE B 237 -18.87 7.98 -25.23
CA ILE B 237 -17.49 7.69 -25.54
C ILE B 237 -16.70 8.97 -25.79
N ASP B 238 -17.27 9.92 -26.53
CA ASP B 238 -16.56 11.17 -26.81
C ASP B 238 -16.41 12.04 -25.58
N ALA B 239 -17.28 11.82 -24.59
CA ALA B 239 -17.14 12.48 -23.31
C ALA B 239 -15.82 12.06 -22.66
N CYS B 240 -15.59 10.75 -22.64
CA CYS B 240 -14.36 10.17 -22.10
C CYS B 240 -13.14 10.56 -22.92
N LEU B 241 -13.12 10.13 -24.17
CA LEU B 241 -11.94 10.29 -25.01
C LEU B 241 -11.71 11.71 -25.51
N ASN B 242 -11.90 12.71 -24.66
CA ASN B 242 -11.41 14.04 -24.97
C ASN B 242 -9.92 14.16 -24.59
N LYS B 243 -9.12 14.76 -25.48
CA LYS B 243 -7.68 14.77 -25.28
C LYS B 243 -7.21 15.70 -24.17
N ASP B 244 -7.99 16.71 -23.85
CA ASP B 244 -7.68 17.56 -22.71
C ASP B 244 -8.34 16.98 -21.46
N PRO B 245 -7.52 16.50 -20.50
CA PRO B 245 -7.97 15.79 -19.29
C PRO B 245 -9.10 16.47 -18.52
N SER B 246 -9.06 17.79 -18.41
CA SER B 246 -10.11 18.52 -17.68
C SER B 246 -11.46 18.51 -18.42
N PHE B 247 -11.42 18.45 -19.75
CA PHE B 247 -12.64 18.39 -20.57
C PHE B 247 -13.36 17.06 -20.44
N ARG B 248 -12.77 16.13 -19.70
CA ARG B 248 -13.39 14.85 -19.46
C ARG B 248 -14.14 14.95 -18.16
N PRO B 249 -15.36 14.38 -18.11
CA PRO B 249 -16.21 14.41 -16.93
C PRO B 249 -15.58 13.63 -15.78
N THR B 250 -16.08 13.85 -14.56
CA THR B 250 -15.67 13.02 -13.43
C THR B 250 -16.39 11.68 -13.55
N ALA B 251 -16.19 10.80 -12.58
CA ALA B 251 -16.89 9.52 -12.58
C ALA B 251 -18.38 9.75 -12.34
N LYS B 252 -18.72 10.47 -11.26
CA LYS B 252 -20.11 10.78 -10.92
C LYS B 252 -20.87 11.43 -12.07
N GLU B 253 -20.25 12.41 -12.72
CA GLU B 253 -20.89 13.09 -13.85
C GLU B 253 -21.27 12.13 -14.97
N LEU B 254 -20.41 11.14 -15.23
CA LEU B 254 -20.69 10.13 -16.23
C LEU B 254 -21.79 9.16 -15.79
N LEU B 255 -21.96 8.99 -14.48
CA LEU B 255 -22.99 8.09 -13.96
C LEU B 255 -24.37 8.64 -14.22
N LYS B 256 -24.43 9.91 -14.63
CA LYS B 256 -25.69 10.61 -14.91
C LYS B 256 -25.88 10.85 -16.41
N HIS B 257 -24.82 10.65 -17.20
CA HIS B 257 -24.90 10.74 -18.65
C HIS B 257 -25.95 9.82 -19.23
N LYS B 258 -26.75 10.37 -20.14
CA LYS B 258 -27.92 9.70 -20.73
C LYS B 258 -27.68 8.29 -21.19
N PHE B 259 -26.50 8.00 -21.72
CA PHE B 259 -26.24 6.65 -22.20
C PHE B 259 -26.44 5.62 -21.10
N ILE B 260 -25.88 5.91 -19.92
CA ILE B 260 -25.99 5.02 -18.77
C ILE B 260 -27.43 4.94 -18.28
N VAL B 261 -28.01 6.12 -18.07
CA VAL B 261 -29.32 6.28 -17.44
C VAL B 261 -30.41 5.66 -18.27
N LYS B 262 -30.36 5.86 -19.59
CA LYS B 262 -31.29 5.21 -20.50
C LYS B 262 -31.08 3.69 -20.58
N ASN B 263 -29.82 3.25 -20.51
CA ASN B 263 -29.49 1.91 -20.96
C ASN B 263 -29.19 0.85 -19.93
N SER B 264 -28.60 1.24 -18.81
CA SER B 264 -28.28 0.25 -17.76
C SER B 264 -29.55 -0.43 -17.25
N LYS B 265 -29.43 -1.73 -17.02
CA LYS B 265 -30.52 -2.53 -16.51
C LYS B 265 -30.10 -3.15 -15.19
N LYS B 266 -30.94 -4.02 -14.64
CA LYS B 266 -30.64 -4.67 -13.36
C LYS B 266 -29.36 -5.49 -13.46
N THR B 267 -28.51 -5.37 -12.45
CA THR B 267 -27.21 -6.03 -12.46
C THR B 267 -27.33 -7.55 -12.41
N SER B 268 -28.47 -8.05 -11.96
CA SER B 268 -28.73 -9.49 -11.94
C SER B 268 -28.85 -10.02 -13.37
N TYR B 269 -29.47 -9.24 -14.25
CA TYR B 269 -29.75 -9.67 -15.61
C TYR B 269 -28.47 -9.97 -16.39
N LEU B 270 -27.32 -9.72 -15.76
CA LEU B 270 -26.03 -10.04 -16.36
C LEU B 270 -25.74 -11.54 -16.37
N THR B 271 -26.38 -12.29 -15.47
CA THR B 271 -26.26 -13.75 -15.47
C THR B 271 -26.70 -14.36 -16.79
N GLU B 272 -27.15 -13.52 -17.71
CA GLU B 272 -27.41 -13.97 -19.05
C GLU B 272 -26.07 -14.37 -19.65
N LEU B 273 -25.10 -13.48 -19.56
CA LEU B 273 -23.80 -13.69 -20.18
C LEU B 273 -22.99 -14.81 -19.53
N ILE B 274 -23.14 -15.00 -18.22
CA ILE B 274 -22.50 -16.11 -17.56
C ILE B 274 -23.13 -17.41 -18.01
N ASP B 275 -24.45 -17.40 -18.20
CA ASP B 275 -25.15 -18.60 -18.62
C ASP B 275 -24.92 -18.90 -20.10
N ARG B 276 -24.61 -17.88 -20.88
CA ARG B 276 -24.28 -18.07 -22.29
C ARG B 276 -22.90 -18.67 -22.44
N PHE B 277 -21.92 -17.99 -21.85
CA PHE B 277 -20.53 -18.46 -21.84
C PHE B 277 -20.49 -19.91 -21.44
N LYS B 278 -21.16 -20.21 -20.32
CA LYS B 278 -21.17 -21.53 -19.74
C LYS B 278 -21.63 -22.54 -20.77
N ARG B 279 -22.71 -22.23 -21.46
CA ARG B 279 -23.31 -23.06 -22.52
C ARG B 279 -22.39 -23.24 -23.74
N TRP B 280 -21.67 -22.16 -24.05
CA TRP B 280 -20.81 -22.07 -25.22
C TRP B 280 -19.53 -22.84 -25.09
N LYS B 281 -18.92 -22.79 -23.91
CA LYS B 281 -17.58 -23.29 -23.73
C LYS B 281 -17.51 -24.76 -23.35
N ALA B 282 -16.66 -25.51 -24.04
CA ALA B 282 -16.33 -26.88 -23.67
C ALA B 282 -15.23 -26.83 -22.62
N GLU B 283 -15.22 -27.78 -21.69
CA GLU B 283 -14.29 -27.79 -20.55
C GLU B 283 -14.46 -26.55 -19.64
FAF DKI C . -7.30 -12.66 -14.56
CAU DKI C . -6.48 -11.80 -13.93
CAI DKI C . -5.21 -11.60 -14.45
CAH DKI C . -4.30 -10.72 -13.86
CAJ DKI C . -4.63 -9.97 -12.73
CAV DKI C . -5.88 -10.09 -12.14
FAG DKI C . -6.15 -9.36 -11.05
CAZ DKI C . -6.90 -11.03 -12.70
NAQ DKI C . -8.14 -11.16 -12.14
CAS DKI C . -8.44 -11.57 -10.89
SAE DKI C . -7.68 -11.00 -9.63
NBA DKI C . -9.48 -12.46 -10.72
NAP DKI C . -9.93 -13.34 -11.70
CAT DKI C . -10.28 -12.57 -9.65
NAA DKI C . -10.15 -11.85 -8.52
NAO DKI C . -11.24 -13.50 -9.82
CAX DKI C . -10.98 -13.93 -11.08
NAR DKI C . -11.74 -14.91 -11.65
CAW DKI C . -11.44 -15.47 -12.84
CAL DKI C . -11.94 -16.73 -13.14
CAN DKI C . -11.61 -17.32 -14.37
CAK DKI C . -10.63 -14.81 -13.76
CAM DKI C . -10.31 -15.39 -14.97
CAY DKI C . -10.79 -16.66 -15.29
SBB DKI C . -10.42 -17.34 -16.71
OAC DKI C . -11.68 -17.56 -17.39
OAD DKI C . -9.73 -18.59 -16.53
NAB DKI C . -9.52 -16.37 -17.59
#